data_6NNO
#
_entry.id   6NNO
#
_cell.length_a   43.820
_cell.length_b   54.570
_cell.length_c   172.720
_cell.angle_alpha   90.00
_cell.angle_beta   90.00
_cell.angle_gamma   90.00
#
_symmetry.space_group_name_H-M   'P 21 21 21'
#
loop_
_entity.id
_entity.type
_entity.pdbx_description
1 polymer Phosphoglucomutase
2 non-polymer 'CALCIUM ION'
3 non-polymer 1-O-phosphono-alpha-D-glucopyranose
4 non-polymer DI(HYDROXYETHYL)ETHER
5 water water
#
_entity_poly.entity_id   1
_entity_poly.type   'polypeptide(L)'
_entity_poly.pdbx_seq_one_letter_code
;MGSSHHHHHHSSENLYFQSHMTLPAFKAYDIRGRVPDELNEDLARRIGVALAAQLDQGPVVLGHDVRLASPALQEALSAG
LRASGRDVIDIGLCGTEEVYFQTDYLKAAGGVMVTA(SEP)HNPMDYNGMKLVREQARPISSDTGLFAIRDTVAADTAAP
GEPTASEQSRTDKTAYLEHLLSYVDRSTLKPLKLVVNAGNGGAGLIVDLLAPHLPFEFVRVFHEPDGNFPNGIPNPLLPE
NRDATAKAVKDNGADFGIAWDGDFDRCFFFDHTGRFIEGYYLVGLLAQAILAKQPGGKVVHDPRLTWNTVEQVEEAGGIP
VLCKSGHAFIKEKMRSENAVYGGEMSAHHYFREFAYADSGMIPWLLIAELVSQSGRSLADLVEARMQKFPCSGEINFKVA
DAKASVARVMEHYASLSPELDYTDGISADFGQWRFNLRSSNTEPLLRLNVETRGDAALLETRTQEISNLLRG
;
_entity_poly.pdbx_strand_id   A
#
loop_
_chem_comp.id
_chem_comp.type
_chem_comp.name
_chem_comp.formula
CA non-polymer 'CALCIUM ION' 'Ca 2'
G1P D-saccharide 1-O-phosphono-alpha-D-glucopyranose 'C6 H13 O9 P'
PEG non-polymer DI(HYDROXYETHYL)ETHER 'C4 H10 O3'
#
# COMPACT_ATOMS: atom_id res chain seq x y z
N MET A 21 -14.06 -6.52 27.15
N MET A 21 -13.99 -6.05 27.29
CA MET A 21 -13.76 -6.38 25.73
CA MET A 21 -13.76 -6.07 25.86
C MET A 21 -12.26 -6.35 25.49
C MET A 21 -12.26 -6.22 25.55
N THR A 22 -11.86 -5.77 24.36
CA THR A 22 -10.45 -5.72 23.98
C THR A 22 -10.14 -4.32 23.45
N LEU A 23 -8.87 -4.00 23.38
CA LEU A 23 -8.46 -2.70 22.89
C LEU A 23 -8.85 -2.53 21.42
N PRO A 24 -9.71 -1.57 21.09
CA PRO A 24 -10.18 -1.44 19.71
C PRO A 24 -9.09 -1.06 18.72
N ALA A 25 -8.04 -0.36 19.18
CA ALA A 25 -7.02 0.11 18.25
C ALA A 25 -6.28 -1.02 17.55
N PHE A 26 -6.29 -2.23 18.11
CA PHE A 26 -5.56 -3.35 17.52
C PHE A 26 -6.41 -4.00 16.43
N LYS A 27 -6.04 -3.75 15.17
CA LYS A 27 -6.78 -4.22 14.02
C LYS A 27 -6.08 -5.42 13.40
N ALA A 28 -6.58 -5.86 12.24
CA ALA A 28 -6.05 -7.06 11.60
C ALA A 28 -4.58 -6.88 11.22
N TYR A 29 -4.22 -5.73 10.64
CA TYR A 29 -2.89 -5.55 10.07
C TYR A 29 -2.04 -4.53 10.80
N ASP A 30 -2.62 -3.71 11.67
CA ASP A 30 -1.88 -2.62 12.29
C ASP A 30 -2.66 -2.12 13.49
N ILE A 31 -2.15 -1.06 14.09
CA ILE A 31 -2.78 -0.40 15.23
C ILE A 31 -3.28 0.94 14.73
N ARG A 32 -4.52 1.29 15.06
CA ARG A 32 -4.99 2.62 14.70
C ARG A 32 -6.20 2.96 15.56
N GLY A 33 -6.23 4.18 16.03
CA GLY A 33 -7.39 4.61 16.79
C GLY A 33 -7.27 6.07 17.17
N ARG A 34 -8.35 6.57 17.76
CA ARG A 34 -8.42 7.95 18.19
C ARG A 34 -7.50 8.17 19.38
N VAL A 35 -6.77 9.28 19.34
CA VAL A 35 -5.92 9.74 20.44
C VAL A 35 -6.74 10.72 21.26
N PRO A 36 -6.80 10.58 22.60
CA PRO A 36 -6.02 9.63 23.39
C PRO A 36 -6.78 8.44 23.98
N ASP A 37 -8.05 8.24 23.63
CA ASP A 37 -8.79 7.19 24.32
C ASP A 37 -8.50 5.81 23.75
N GLU A 38 -8.18 5.71 22.46
CA GLU A 38 -7.85 4.42 21.86
C GLU A 38 -6.36 4.21 21.68
N LEU A 39 -5.58 5.29 21.67
CA LEU A 39 -4.14 5.19 21.51
C LEU A 39 -3.53 6.43 22.16
N ASN A 40 -2.47 6.24 22.94
CA ASN A 40 -1.87 7.33 23.67
C ASN A 40 -0.44 6.94 24.02
N GLU A 41 0.25 7.84 24.71
CA GLU A 41 1.64 7.59 25.03
C GLU A 41 1.81 6.41 25.98
N ASP A 42 0.87 6.24 26.91
N ASP A 42 0.88 6.21 26.90
CA ASP A 42 0.93 5.11 27.84
CA ASP A 42 1.03 5.07 27.81
C ASP A 42 0.83 3.78 27.10
C ASP A 42 0.87 3.76 27.07
N LEU A 43 -0.17 3.66 26.23
CA LEU A 43 -0.34 2.46 25.42
C LEU A 43 0.88 2.25 24.50
N ALA A 44 1.42 3.34 23.93
CA ALA A 44 2.56 3.20 23.03
C ALA A 44 3.77 2.67 23.76
N ARG A 45 4.00 3.16 24.99
N ARG A 45 3.99 3.15 25.00
CA ARG A 45 5.10 2.64 25.79
CA ARG A 45 5.11 2.63 25.78
C ARG A 45 4.90 1.16 26.08
C ARG A 45 4.90 1.16 26.12
N ARG A 46 3.69 0.78 26.51
CA ARG A 46 3.41 -0.63 26.78
C ARG A 46 3.56 -1.47 25.52
N ILE A 47 3.19 -0.94 24.35
CA ILE A 47 3.41 -1.66 23.10
C ILE A 47 4.90 -1.88 22.85
N GLY A 48 5.74 -0.87 23.14
CA GLY A 48 7.17 -1.07 23.01
C GLY A 48 7.70 -2.19 23.91
N VAL A 49 7.24 -2.21 25.17
CA VAL A 49 7.63 -3.30 26.08
C VAL A 49 7.19 -4.65 25.53
N ALA A 50 5.93 -4.74 25.10
CA ALA A 50 5.40 -6.02 24.62
C ALA A 50 6.08 -6.44 23.34
N LEU A 51 6.40 -5.49 22.47
CA LEU A 51 7.06 -5.83 21.22
C LEU A 51 8.45 -6.40 21.46
N ALA A 52 9.18 -5.82 22.43
CA ALA A 52 10.50 -6.35 22.76
C ALA A 52 10.44 -7.84 23.07
N ALA A 53 9.37 -8.28 23.72
CA ALA A 53 9.28 -9.69 24.12
C ALA A 53 8.92 -10.61 22.96
N GLN A 54 8.46 -10.07 21.84
CA GLN A 54 7.98 -10.84 20.69
C GLN A 54 9.04 -11.00 19.61
N LEU A 55 10.12 -10.24 19.64
CA LEU A 55 11.07 -10.21 18.56
C LEU A 55 12.27 -11.09 18.86
N ASP A 56 12.89 -11.60 17.80
CA ASP A 56 14.21 -12.20 17.89
C ASP A 56 15.23 -11.11 18.25
N GLN A 57 16.50 -11.50 18.33
CA GLN A 57 17.52 -10.59 18.84
C GLN A 57 17.80 -9.44 17.88
N GLY A 58 18.10 -8.26 18.45
CA GLY A 58 18.54 -7.14 17.66
C GLY A 58 17.88 -5.81 18.04
N PRO A 59 18.31 -4.75 17.38
CA PRO A 59 17.74 -3.42 17.62
C PRO A 59 16.42 -3.26 16.88
N VAL A 60 15.73 -2.16 17.17
CA VAL A 60 14.42 -1.88 16.61
C VAL A 60 14.44 -0.50 15.96
N VAL A 61 14.01 -0.46 14.69
CA VAL A 61 13.95 0.77 13.91
C VAL A 61 12.63 1.47 14.18
N LEU A 62 12.67 2.78 14.37
CA LEU A 62 11.47 3.57 14.61
C LEU A 62 11.45 4.76 13.67
N GLY A 63 10.29 5.00 13.06
CA GLY A 63 10.05 6.17 12.24
C GLY A 63 8.63 6.65 12.41
N HIS A 64 8.34 7.84 11.87
CA HIS A 64 7.03 8.42 12.07
C HIS A 64 6.66 9.32 10.90
N ASP A 65 5.37 9.60 10.76
CA ASP A 65 4.86 10.39 9.65
C ASP A 65 4.67 11.83 10.09
N VAL A 66 3.97 12.62 9.27
CA VAL A 66 3.91 14.06 9.54
C VAL A 66 2.85 14.45 10.57
N ARG A 67 2.04 13.51 11.08
CA ARG A 67 0.99 13.89 12.01
C ARG A 67 1.60 14.51 13.26
N LEU A 68 0.91 15.50 13.83
CA LEU A 68 1.48 16.29 14.91
C LEU A 68 1.84 15.44 16.11
N ALA A 69 0.99 14.46 16.43
CA ALA A 69 1.21 13.60 17.60
C ALA A 69 2.20 12.48 17.36
N SER A 70 2.63 12.24 16.12
CA SER A 70 3.43 11.04 15.87
C SER A 70 4.77 11.03 16.60
N PRO A 71 5.54 12.12 16.69
CA PRO A 71 6.82 12.01 17.40
C PRO A 71 6.68 11.59 18.86
N ALA A 72 5.66 12.09 19.56
CA ALA A 72 5.51 11.72 20.96
C ALA A 72 5.11 10.27 21.12
N LEU A 73 4.34 9.73 20.16
CA LEU A 73 4.03 8.31 20.22
C LEU A 73 5.29 7.49 19.95
N GLN A 74 6.14 7.96 19.04
CA GLN A 74 7.39 7.25 18.78
C GLN A 74 8.32 7.30 19.99
N GLU A 75 8.41 8.46 20.64
CA GLU A 75 9.25 8.57 21.83
C GLU A 75 8.80 7.61 22.93
N ALA A 76 7.48 7.42 23.07
CA ALA A 76 6.99 6.50 24.09
C ALA A 76 7.31 5.07 23.72
N LEU A 77 7.18 4.72 22.43
CA LEU A 77 7.60 3.42 21.96
C LEU A 77 9.05 3.18 22.28
N SER A 78 9.90 4.16 21.98
CA SER A 78 11.32 4.01 22.26
C SER A 78 11.58 3.83 23.74
N ALA A 79 10.85 4.55 24.59
CA ALA A 79 11.04 4.41 26.02
C ALA A 79 10.73 3.01 26.50
N GLY A 80 9.63 2.43 26.01
CA GLY A 80 9.29 1.06 26.40
C GLY A 80 10.28 0.06 25.84
N LEU A 81 10.68 0.24 24.58
CA LEU A 81 11.67 -0.67 24.00
C LEU A 81 12.98 -0.62 24.77
N ARG A 82 13.47 0.58 25.06
CA ARG A 82 14.74 0.69 25.78
C ARG A 82 14.62 0.25 27.23
N ALA A 83 13.46 0.42 27.86
CA ALA A 83 13.26 -0.15 29.19
C ALA A 83 13.42 -1.66 29.16
N SER A 84 13.13 -2.28 28.01
CA SER A 84 13.26 -3.72 27.84
C SER A 84 14.59 -4.12 27.23
N GLY A 85 15.57 -3.21 27.21
CA GLY A 85 16.90 -3.54 26.75
C GLY A 85 17.08 -3.57 25.25
N ARG A 86 16.14 -3.03 24.47
CA ARG A 86 16.29 -2.95 23.03
C ARG A 86 16.95 -1.63 22.65
N ASP A 87 18.07 -1.71 21.94
CA ASP A 87 18.60 -0.53 21.25
C ASP A 87 17.59 -0.06 20.22
N VAL A 88 17.46 1.26 20.10
CA VAL A 88 16.51 1.85 19.17
C VAL A 88 17.28 2.62 18.11
N ILE A 89 16.87 2.45 16.85
CA ILE A 89 17.43 3.17 15.71
C ILE A 89 16.35 4.12 15.23
N ASP A 90 16.50 5.40 15.55
CA ASP A 90 15.52 6.41 15.21
C ASP A 90 15.84 6.93 13.82
N ILE A 91 15.02 6.57 12.82
CA ILE A 91 15.25 7.09 11.48
C ILE A 91 14.44 8.34 11.20
N GLY A 92 13.70 8.84 12.20
CA GLY A 92 13.10 10.14 12.08
C GLY A 92 11.81 10.17 11.27
N LEU A 93 11.48 11.39 10.84
CA LEU A 93 10.33 11.59 9.95
C LEU A 93 10.60 10.93 8.61
N CYS A 94 9.72 10.03 8.20
CA CYS A 94 10.03 9.17 7.07
C CYS A 94 8.73 8.64 6.48
N GLY A 95 8.85 7.93 5.37
CA GLY A 95 7.76 7.12 4.87
C GLY A 95 7.77 5.73 5.46
N THR A 96 6.60 5.09 5.40
CA THR A 96 6.47 3.74 5.94
C THR A 96 7.48 2.79 5.30
N GLU A 97 7.70 2.93 3.99
CA GLU A 97 8.64 2.06 3.30
C GLU A 97 10.06 2.23 3.80
N GLU A 98 10.39 3.38 4.40
CA GLU A 98 11.74 3.57 4.93
C GLU A 98 11.93 2.76 6.20
N VAL A 99 10.88 2.65 7.02
CA VAL A 99 10.97 1.73 8.15
C VAL A 99 11.18 0.31 7.66
N TYR A 100 10.44 -0.09 6.61
CA TYR A 100 10.66 -1.43 6.06
C TYR A 100 12.09 -1.57 5.56
N PHE A 101 12.52 -0.63 4.71
CA PHE A 101 13.84 -0.74 4.11
C PHE A 101 14.93 -0.77 5.17
N GLN A 102 14.87 0.14 6.15
CA GLN A 102 15.97 0.21 7.12
C GLN A 102 15.94 -0.96 8.09
N THR A 103 14.75 -1.47 8.44
CA THR A 103 14.67 -2.66 9.26
C THR A 103 15.41 -3.82 8.61
N ASP A 104 15.18 -4.02 7.31
CA ASP A 104 15.85 -5.09 6.59
C ASP A 104 17.31 -4.77 6.36
N TYR A 105 17.61 -3.56 5.86
CA TYR A 105 18.96 -3.18 5.48
C TYR A 105 19.92 -3.24 6.68
N LEU A 106 19.47 -2.74 7.82
CA LEU A 106 20.30 -2.74 9.02
C LEU A 106 20.22 -4.04 9.79
N LYS A 107 19.51 -5.05 9.27
CA LYS A 107 19.40 -6.35 9.92
C LYS A 107 18.89 -6.21 11.35
N ALA A 108 17.90 -5.33 11.50
CA ALA A 108 17.28 -5.09 12.78
C ALA A 108 16.37 -6.26 13.17
N ALA A 109 16.04 -6.32 14.46
CA ALA A 109 15.07 -7.29 14.94
C ALA A 109 13.65 -6.97 14.52
N GLY A 110 13.37 -5.70 14.22
CA GLY A 110 12.03 -5.30 13.83
C GLY A 110 11.98 -3.80 13.68
N GLY A 111 10.77 -3.30 13.46
CA GLY A 111 10.60 -1.88 13.27
C GLY A 111 9.16 -1.47 13.47
N VAL A 112 8.97 -0.20 13.78
CA VAL A 112 7.63 0.34 13.94
C VAL A 112 7.57 1.67 13.21
N MET A 113 6.55 1.85 12.39
CA MET A 113 6.23 3.12 11.77
C MET A 113 5.02 3.70 12.49
N VAL A 114 5.15 4.92 12.99
CA VAL A 114 4.02 5.59 13.61
C VAL A 114 3.33 6.36 12.49
N THR A 115 2.12 5.94 12.15
CA THR A 115 1.45 6.59 11.04
C THR A 115 -0.07 6.43 11.16
N ALA A 116 -0.77 7.49 10.76
CA ALA A 116 -2.22 7.58 10.92
C ALA A 116 -2.90 7.35 9.59
N SEP A 117 -2.10 7.18 8.54
N SEP A 117 -2.11 7.19 8.54
N SEP A 117 -2.10 7.18 8.54
CA SEP A 117 -2.61 7.03 7.19
CA SEP A 117 -2.63 6.99 7.20
CA SEP A 117 -2.63 7.02 7.19
CB SEP A 117 -3.27 5.67 7.01
CB SEP A 117 -3.33 5.64 7.10
CB SEP A 117 -3.33 5.66 7.04
OG SEP A 117 -4.10 5.66 5.87
OG SEP A 117 -3.96 5.49 5.83
OG SEP A 117 -4.10 5.62 5.86
C SEP A 117 -3.59 8.16 6.85
C SEP A 117 -3.57 8.14 6.83
C SEP A 117 -3.58 8.16 6.84
O SEP A 117 -3.23 9.34 6.95
O SEP A 117 -3.18 9.30 6.87
O SEP A 117 -3.21 9.33 6.91
P SEP A 117 -3.26 5.46 4.50
P SEP A 117 -3.02 4.59 4.88
O1P SEP A 117 -3.73 4.04 3.87
O1P SEP A 117 -2.67 3.19 5.59
O2P SEP A 117 -1.67 5.38 4.78
O2P SEP A 117 -1.67 5.39 4.57
O3P SEP A 117 -3.66 6.68 3.53
O3P SEP A 117 -3.80 4.29 3.50
N HIS A 118 -4.81 7.81 6.48
CA HIS A 118 -5.80 8.83 6.13
C HIS A 118 -6.96 8.86 7.12
N ASN A 119 -6.69 8.41 8.34
CA ASN A 119 -7.64 8.51 9.42
C ASN A 119 -7.78 9.97 9.86
N PRO A 120 -8.85 10.31 10.60
CA PRO A 120 -9.08 11.72 10.98
C PRO A 120 -7.94 12.39 11.76
N MET A 121 -8.13 13.68 12.07
N MET A 121 -8.12 13.68 12.06
CA MET A 121 -7.05 14.45 12.68
CA MET A 121 -7.06 14.46 12.68
C MET A 121 -6.74 13.99 14.11
C MET A 121 -6.75 13.97 14.10
N ASP A 122 -7.74 13.45 14.81
CA ASP A 122 -7.55 12.98 16.18
C ASP A 122 -7.17 11.51 16.25
N TYR A 123 -6.62 10.96 15.17
CA TYR A 123 -6.28 9.55 15.06
C TYR A 123 -4.80 9.39 14.83
N ASN A 124 -4.26 8.24 15.24
CA ASN A 124 -2.91 7.87 14.85
C ASN A 124 -2.83 6.35 14.84
N GLY A 125 -1.63 5.81 14.66
CA GLY A 125 -1.51 4.37 14.58
C GLY A 125 -0.06 3.94 14.43
N MET A 126 0.11 2.63 14.26
CA MET A 126 1.43 2.03 14.14
C MET A 126 1.36 0.87 13.18
N LYS A 127 2.40 0.71 12.38
CA LYS A 127 2.58 -0.48 11.56
C LYS A 127 3.87 -1.16 12.03
N LEU A 128 3.78 -2.45 12.33
CA LEU A 128 4.86 -3.16 13.02
C LEU A 128 5.41 -4.27 12.15
N VAL A 129 6.74 -4.42 12.15
CA VAL A 129 7.38 -5.50 11.41
C VAL A 129 8.47 -6.12 12.28
N ARG A 130 8.81 -7.37 11.98
N ARG A 130 8.82 -7.37 11.97
CA ARG A 130 9.92 -8.06 12.62
CA ARG A 130 9.91 -8.07 12.61
C ARG A 130 11.07 -8.16 11.61
C ARG A 130 11.08 -8.15 11.62
N GLU A 131 11.90 -9.20 11.73
CA GLU A 131 13.11 -9.27 10.93
C GLU A 131 12.78 -9.33 9.45
N GLN A 132 13.66 -8.73 8.63
N GLN A 132 13.66 -8.73 8.63
CA GLN A 132 13.48 -8.56 7.19
CA GLN A 132 13.48 -8.57 7.18
C GLN A 132 12.18 -7.85 6.84
C GLN A 132 12.20 -7.83 6.82
N ALA A 133 11.67 -7.04 7.76
CA ALA A 133 10.44 -6.27 7.56
C ALA A 133 9.23 -7.19 7.33
N ARG A 134 9.26 -8.39 7.90
CA ARG A 134 8.10 -9.28 7.80
C ARG A 134 6.96 -8.71 8.63
N PRO A 135 5.74 -8.64 8.09
CA PRO A 135 4.64 -8.03 8.84
C PRO A 135 4.34 -8.76 10.14
N ILE A 136 3.95 -7.96 11.14
CA ILE A 136 3.35 -8.45 12.38
C ILE A 136 1.87 -8.10 12.31
N SER A 137 1.03 -9.11 12.20
CA SER A 137 -0.41 -8.94 12.05
C SER A 137 -1.14 -9.63 13.18
N SER A 138 -2.47 -9.55 13.16
CA SER A 138 -3.27 -9.97 14.31
C SER A 138 -2.90 -11.39 14.73
N ASP A 139 -2.70 -12.27 13.76
CA ASP A 139 -2.46 -13.68 14.06
C ASP A 139 -0.99 -14.03 14.04
N THR A 140 -0.10 -13.06 13.80
CA THR A 140 1.34 -13.31 13.78
C THR A 140 2.07 -12.41 14.77
N GLY A 141 1.40 -12.04 15.86
CA GLY A 141 2.07 -11.32 16.92
C GLY A 141 1.32 -10.12 17.43
N LEU A 142 0.48 -9.53 16.58
CA LEU A 142 -0.14 -8.25 16.94
C LEU A 142 -1.17 -8.42 18.05
N PHE A 143 -2.01 -9.47 17.96
CA PHE A 143 -2.94 -9.69 19.07
C PHE A 143 -2.24 -10.22 20.30
N ALA A 144 -1.09 -10.90 20.13
CA ALA A 144 -0.30 -11.29 21.29
C ALA A 144 0.23 -10.06 22.00
N ILE A 145 0.67 -9.06 21.23
CA ILE A 145 1.09 -7.80 21.82
C ILE A 145 -0.10 -7.12 22.50
N ARG A 146 -1.25 -7.08 21.82
CA ARG A 146 -2.45 -6.48 22.40
C ARG A 146 -2.77 -7.09 23.75
N ASP A 147 -2.79 -8.42 23.83
CA ASP A 147 -3.16 -9.07 25.07
C ASP A 147 -2.14 -8.79 26.18
N THR A 148 -0.86 -8.75 25.82
CA THR A 148 0.16 -8.38 26.80
C THR A 148 -0.06 -6.95 27.30
N VAL A 149 -0.27 -6.02 26.37
CA VAL A 149 -0.51 -4.62 26.75
C VAL A 149 -1.76 -4.51 27.61
N ALA A 150 -2.81 -5.26 27.26
CA ALA A 150 -4.08 -5.15 27.97
C ALA A 150 -3.93 -5.51 29.43
N ALA A 151 -3.07 -6.49 29.73
CA ALA A 151 -2.92 -6.98 31.09
C ALA A 151 -1.76 -6.35 31.85
N ASP A 152 -0.97 -5.50 31.18
CA ASP A 152 0.25 -4.95 31.75
C ASP A 152 -0.09 -3.79 32.71
N THR A 153 0.06 -4.04 34.01
CA THR A 153 -0.03 -2.97 35.00
C THR A 153 1.31 -2.74 35.71
N ALA A 154 2.42 -3.20 35.11
CA ALA A 154 3.72 -2.98 35.71
C ALA A 154 4.10 -1.51 35.65
N ALA A 155 4.84 -1.08 36.68
CA ALA A 155 5.39 0.25 36.64
C ALA A 155 6.42 0.33 35.50
N PRO A 156 6.54 1.47 34.84
CA PRO A 156 7.54 1.57 33.76
C PRO A 156 8.95 1.48 34.33
N GLY A 157 9.77 0.64 33.70
CA GLY A 157 11.17 0.60 34.06
C GLY A 157 11.91 1.74 33.41
N GLU A 158 13.16 1.88 33.78
N GLU A 158 13.16 1.89 33.79
CA GLU A 158 13.97 2.92 33.17
CA GLU A 158 13.98 2.91 33.17
C GLU A 158 14.79 2.32 32.03
C GLU A 158 14.77 2.32 32.02
N PRO A 159 15.27 3.16 31.10
CA PRO A 159 16.02 2.62 29.95
C PRO A 159 17.29 1.90 30.36
N THR A 160 17.50 0.73 29.76
CA THR A 160 18.74 -0.03 29.89
C THR A 160 19.42 -0.20 28.55
N ALA A 161 18.97 0.53 27.53
CA ALA A 161 19.56 0.49 26.20
C ALA A 161 19.47 1.89 25.61
N SER A 162 20.19 2.10 24.52
CA SER A 162 20.39 3.42 23.97
C SER A 162 19.54 3.63 22.71
N GLU A 163 19.38 4.89 22.34
CA GLU A 163 18.79 5.29 21.08
C GLU A 163 19.87 5.94 20.24
N GLN A 164 19.93 5.57 18.98
CA GLN A 164 20.80 6.21 18.01
C GLN A 164 19.94 6.83 16.92
N SER A 165 20.32 8.02 16.47
CA SER A 165 19.65 8.70 15.39
C SER A 165 20.39 8.39 14.09
N ARG A 166 19.69 7.74 13.15
N ARG A 166 19.71 7.70 13.17
CA ARG A 166 20.27 7.39 11.86
CA ARG A 166 20.26 7.39 11.85
C ARG A 166 19.37 7.99 10.77
C ARG A 166 19.33 8.03 10.83
N THR A 167 19.70 9.20 10.35
CA THR A 167 18.93 9.91 9.34
C THR A 167 19.55 9.80 7.95
N ASP A 168 20.65 9.08 7.80
CA ASP A 168 21.25 8.89 6.48
C ASP A 168 20.32 8.08 5.58
N LYS A 169 19.88 8.69 4.48
CA LYS A 169 19.03 7.99 3.53
C LYS A 169 19.79 7.50 2.31
N THR A 170 21.13 7.62 2.32
CA THR A 170 21.93 7.27 1.15
C THR A 170 21.61 5.87 0.63
N ALA A 171 21.65 4.86 1.51
CA ALA A 171 21.41 3.50 1.03
C ALA A 171 20.00 3.36 0.47
N TYR A 172 19.03 3.97 1.14
CA TYR A 172 17.65 3.94 0.64
C TYR A 172 17.54 4.58 -0.73
N LEU A 173 18.12 5.78 -0.89
CA LEU A 173 18.03 6.46 -2.17
C LEU A 173 18.77 5.69 -3.26
N GLU A 174 19.93 5.13 -2.93
CA GLU A 174 20.64 4.31 -3.91
C GLU A 174 19.80 3.12 -4.31
N HIS A 175 19.10 2.50 -3.34
CA HIS A 175 18.26 1.36 -3.67
C HIS A 175 17.16 1.76 -4.64
N LEU A 176 16.47 2.87 -4.36
CA LEU A 176 15.41 3.30 -5.27
C LEU A 176 15.94 3.51 -6.68
N LEU A 177 17.08 4.20 -6.79
CA LEU A 177 17.60 4.51 -8.12
C LEU A 177 18.10 3.28 -8.85
N SER A 178 18.39 2.20 -8.13
CA SER A 178 18.88 1.00 -8.78
C SER A 178 17.84 0.35 -9.68
N TYR A 179 16.57 0.73 -9.57
CA TYR A 179 15.55 0.11 -10.41
C TYR A 179 15.50 0.68 -11.82
N VAL A 180 16.25 1.73 -12.12
CA VAL A 180 16.18 2.32 -13.45
C VAL A 180 17.58 2.58 -13.96
N ASP A 181 17.71 2.61 -15.28
CA ASP A 181 18.96 2.94 -15.94
C ASP A 181 18.91 4.44 -16.19
N ARG A 182 19.64 5.20 -15.37
CA ARG A 182 19.45 6.65 -15.36
C ARG A 182 19.85 7.28 -16.68
N SER A 183 20.81 6.68 -17.41
CA SER A 183 21.22 7.22 -18.70
C SER A 183 20.13 7.09 -19.76
N THR A 184 19.12 6.25 -19.54
CA THR A 184 18.04 6.10 -20.52
C THR A 184 16.85 6.99 -20.20
N LEU A 185 16.89 7.74 -19.11
CA LEU A 185 15.73 8.51 -18.71
C LEU A 185 15.69 9.79 -19.53
N LYS A 186 14.48 10.22 -19.85
CA LYS A 186 14.27 11.45 -20.59
C LYS A 186 13.76 12.52 -19.66
N PRO A 187 13.93 13.81 -20.02
CA PRO A 187 13.52 14.91 -19.12
C PRO A 187 12.02 15.13 -19.13
N LEU A 188 11.29 14.09 -18.74
CA LEU A 188 9.84 14.17 -18.61
C LEU A 188 9.46 15.25 -17.61
N LYS A 189 8.29 15.81 -17.82
CA LYS A 189 7.70 16.79 -16.90
C LYS A 189 6.65 16.05 -16.07
N LEU A 190 6.89 15.97 -14.77
CA LEU A 190 6.08 15.13 -13.89
C LEU A 190 5.46 16.00 -12.82
N VAL A 191 4.14 15.92 -12.67
CA VAL A 191 3.49 16.52 -11.51
C VAL A 191 3.66 15.58 -10.34
N VAL A 192 4.04 16.13 -9.19
CA VAL A 192 4.15 15.35 -7.97
C VAL A 192 3.30 16.04 -6.90
N ASN A 193 2.46 15.24 -6.23
CA ASN A 193 1.50 15.77 -5.25
C ASN A 193 1.61 14.95 -3.97
N ALA A 194 2.41 15.46 -3.03
CA ALA A 194 2.59 14.85 -1.72
C ALA A 194 1.36 14.97 -0.83
N GLY A 195 0.40 15.83 -1.19
CA GLY A 195 -0.77 16.00 -0.35
C GLY A 195 -0.45 16.56 1.01
N ASN A 196 0.69 17.26 1.14
CA ASN A 196 1.24 17.72 2.41
C ASN A 196 1.61 16.57 3.34
N GLY A 197 1.70 15.36 2.80
CA GLY A 197 2.32 14.25 3.51
C GLY A 197 3.83 14.31 3.37
N GLY A 198 4.47 13.16 3.45
CA GLY A 198 5.92 13.13 3.48
C GLY A 198 6.63 12.84 2.18
N ALA A 199 5.92 12.64 1.06
CA ALA A 199 6.55 12.16 -0.16
C ALA A 199 7.53 13.17 -0.76
N GLY A 200 7.30 14.47 -0.54
CA GLY A 200 8.11 15.48 -1.19
C GLY A 200 9.56 15.46 -0.74
N LEU A 201 9.81 15.11 0.52
CA LEU A 201 11.18 14.99 0.99
C LEU A 201 11.98 14.03 0.13
N ILE A 202 11.40 12.87 -0.19
CA ILE A 202 12.15 11.89 -0.97
C ILE A 202 12.25 12.32 -2.42
N VAL A 203 11.17 12.90 -2.97
CA VAL A 203 11.23 13.37 -4.36
C VAL A 203 12.39 14.34 -4.51
N ASP A 204 12.53 15.26 -3.56
CA ASP A 204 13.55 16.29 -3.65
C ASP A 204 14.96 15.73 -3.46
N LEU A 205 15.10 14.67 -2.68
CA LEU A 205 16.39 14.00 -2.57
C LEU A 205 16.71 13.20 -3.83
N LEU A 206 15.69 12.67 -4.52
CA LEU A 206 15.95 11.95 -5.75
C LEU A 206 16.23 12.89 -6.91
N ALA A 207 15.63 14.08 -6.88
CA ALA A 207 15.65 14.96 -8.06
C ALA A 207 17.05 15.28 -8.57
N PRO A 208 18.07 15.53 -7.74
CA PRO A 208 19.38 15.86 -8.32
C PRO A 208 19.96 14.75 -9.15
N HIS A 209 19.43 13.53 -8.99
CA HIS A 209 19.91 12.35 -9.67
C HIS A 209 19.07 11.97 -10.88
N LEU A 210 18.09 12.79 -11.25
CA LEU A 210 17.09 12.48 -12.25
C LEU A 210 16.99 13.67 -13.22
N PRO A 211 16.65 13.42 -14.48
CA PRO A 211 16.52 14.53 -15.44
C PRO A 211 15.15 15.17 -15.49
N PHE A 212 14.18 14.70 -14.70
CA PHE A 212 12.81 15.17 -14.82
C PHE A 212 12.65 16.62 -14.37
N GLU A 213 11.62 17.29 -14.90
N GLU A 213 11.65 17.30 -14.94
CA GLU A 213 11.20 18.60 -14.43
CA GLU A 213 11.21 18.59 -14.42
C GLU A 213 9.96 18.40 -13.59
C GLU A 213 9.97 18.34 -13.57
N PHE A 214 10.07 18.67 -12.29
CA PHE A 214 8.97 18.43 -11.37
C PHE A 214 8.08 19.65 -11.23
N VAL A 215 6.79 19.39 -11.20
CA VAL A 215 5.77 20.38 -10.89
C VAL A 215 5.19 19.98 -9.55
N ARG A 216 5.52 20.72 -8.50
CA ARG A 216 5.29 20.29 -7.12
C ARG A 216 3.96 20.86 -6.62
N VAL A 217 3.06 19.98 -6.22
CA VAL A 217 1.74 20.35 -5.74
C VAL A 217 1.59 19.87 -4.30
N PHE A 218 1.08 20.73 -3.43
CA PHE A 218 0.86 20.38 -2.02
C PHE A 218 2.09 19.67 -1.46
N HIS A 219 3.22 20.30 -1.66
CA HIS A 219 4.51 19.65 -1.53
C HIS A 219 5.07 19.67 -0.12
N GLU A 220 4.76 20.70 0.65
CA GLU A 220 5.40 20.86 1.94
C GLU A 220 4.70 19.96 2.97
N PRO A 221 5.47 19.26 3.82
CA PRO A 221 4.84 18.43 4.85
C PRO A 221 4.16 19.32 5.88
N ASP A 222 2.91 19.00 6.19
CA ASP A 222 2.14 19.82 7.13
C ASP A 222 1.06 18.94 7.76
N GLY A 223 1.30 18.53 9.00
CA GLY A 223 0.35 17.67 9.68
C GLY A 223 -0.96 18.33 10.02
N ASN A 224 -1.06 19.65 9.85
CA ASN A 224 -2.35 20.31 9.94
C ASN A 224 -3.19 20.08 8.70
N PHE A 225 -2.57 19.64 7.61
CA PHE A 225 -3.27 19.26 6.38
C PHE A 225 -4.20 20.36 5.88
N PRO A 226 -3.66 21.53 5.53
CA PRO A 226 -4.51 22.63 5.06
C PRO A 226 -5.26 22.30 3.78
N ASN A 227 -4.77 21.36 2.98
CA ASN A 227 -5.43 20.96 1.74
C ASN A 227 -6.16 19.62 1.89
N GLY A 228 -6.41 19.20 3.11
CA GLY A 228 -7.10 17.95 3.33
C GLY A 228 -6.14 16.83 3.69
N ILE A 229 -6.66 15.85 4.43
CA ILE A 229 -5.85 14.67 4.75
C ILE A 229 -5.49 13.95 3.44
N PRO A 230 -4.25 13.52 3.24
CA PRO A 230 -3.87 12.97 1.93
C PRO A 230 -4.65 11.71 1.61
N ASN A 231 -5.34 11.74 0.48
CA ASN A 231 -6.10 10.60 0.00
C ASN A 231 -6.44 10.86 -1.46
N PRO A 232 -5.56 10.47 -2.38
CA PRO A 232 -5.79 10.76 -3.81
C PRO A 232 -7.01 10.07 -4.40
N LEU A 233 -7.62 9.13 -3.69
CA LEU A 233 -8.83 8.49 -4.20
C LEU A 233 -10.07 9.35 -4.05
N LEU A 234 -10.05 10.35 -3.17
CA LEU A 234 -11.19 11.25 -3.07
C LEU A 234 -11.23 12.18 -4.27
N PRO A 235 -12.37 12.31 -4.95
CA PRO A 235 -12.40 13.08 -6.22
C PRO A 235 -11.88 14.50 -6.11
N GLU A 236 -12.14 15.21 -5.01
CA GLU A 236 -11.63 16.58 -4.94
C GLU A 236 -10.12 16.60 -4.81
N ASN A 237 -9.53 15.59 -4.16
CA ASN A 237 -8.08 15.49 -4.09
C ASN A 237 -7.50 15.04 -5.41
N ARG A 238 -8.18 14.08 -6.05
CA ARG A 238 -7.81 13.62 -7.38
C ARG A 238 -7.72 14.78 -8.35
N ASP A 239 -8.70 15.69 -8.30
CA ASP A 239 -8.76 16.74 -9.31
C ASP A 239 -7.59 17.72 -9.21
N ALA A 240 -7.02 17.91 -8.01
CA ALA A 240 -5.88 18.81 -7.84
C ALA A 240 -4.67 18.32 -8.64
N THR A 241 -4.43 17.02 -8.64
CA THR A 241 -3.35 16.48 -9.47
C THR A 241 -3.71 16.56 -10.95
N ALA A 242 -4.95 16.18 -11.30
CA ALA A 242 -5.36 16.22 -12.70
C ALA A 242 -5.20 17.61 -13.29
N LYS A 243 -5.65 18.62 -12.54
CA LYS A 243 -5.60 19.99 -13.02
C LYS A 243 -4.16 20.44 -13.22
N ALA A 244 -3.28 20.06 -12.29
CA ALA A 244 -1.87 20.43 -12.43
C ALA A 244 -1.24 19.77 -13.64
N VAL A 245 -1.59 18.51 -13.91
CA VAL A 245 -1.08 17.86 -15.11
C VAL A 245 -1.53 18.61 -16.36
N LYS A 246 -2.84 18.86 -16.47
CA LYS A 246 -3.38 19.47 -17.68
C LYS A 246 -2.84 20.89 -17.88
N ASP A 247 -2.81 21.68 -16.81
CA ASP A 247 -2.41 23.08 -16.96
C ASP A 247 -0.93 23.24 -17.25
N ASN A 248 -0.11 22.23 -16.94
CA ASN A 248 1.32 22.32 -17.16
C ASN A 248 1.82 21.43 -18.28
N GLY A 249 0.92 20.75 -18.99
CA GLY A 249 1.34 19.86 -20.06
C GLY A 249 2.28 18.78 -19.57
N ALA A 250 2.03 18.27 -18.37
CA ALA A 250 2.93 17.29 -17.81
C ALA A 250 2.77 15.94 -18.51
N ASP A 251 3.86 15.18 -18.53
CA ASP A 251 3.80 13.83 -19.12
C ASP A 251 2.89 12.92 -18.31
N PHE A 252 2.98 13.00 -17.00
CA PHE A 252 2.02 12.37 -16.11
C PHE A 252 2.18 12.97 -14.71
N GLY A 253 1.27 12.56 -13.84
CA GLY A 253 1.28 13.05 -12.48
C GLY A 253 1.23 11.89 -11.50
N ILE A 254 1.80 12.13 -10.33
CA ILE A 254 1.92 11.13 -9.27
C ILE A 254 1.42 11.78 -7.99
N ALA A 255 0.56 11.09 -7.27
CA ALA A 255 0.14 11.55 -5.95
C ALA A 255 0.34 10.41 -4.98
N TRP A 256 0.57 10.75 -3.72
CA TRP A 256 0.82 9.76 -2.69
C TRP A 256 -0.17 9.92 -1.54
N ASP A 257 -0.37 8.83 -0.79
CA ASP A 257 -0.97 9.03 0.52
C ASP A 257 0.08 9.59 1.48
N GLY A 258 -0.33 9.80 2.73
CA GLY A 258 0.48 10.60 3.63
C GLY A 258 1.83 9.96 3.95
N ASP A 259 1.86 8.63 4.10
CA ASP A 259 3.07 7.91 4.45
C ASP A 259 3.72 7.33 3.21
N PHE A 260 3.21 7.71 2.04
CA PHE A 260 3.60 7.41 0.67
C PHE A 260 3.99 5.97 0.36
N ASP A 261 3.39 4.99 1.05
CA ASP A 261 3.45 3.62 0.54
C ASP A 261 2.43 3.32 -0.54
N ARG A 262 1.55 4.26 -0.86
N ARG A 262 1.56 4.27 -0.87
CA ARG A 262 0.63 4.17 -1.98
CA ARG A 262 0.63 4.15 -1.98
C ARG A 262 0.90 5.32 -2.94
C ARG A 262 0.86 5.32 -2.93
N CYS A 263 0.91 5.01 -4.23
CA CYS A 263 1.04 6.05 -5.25
C CYS A 263 -0.07 5.88 -6.26
N PHE A 264 -0.38 7.00 -6.93
CA PHE A 264 -1.56 7.09 -7.78
C PHE A 264 -1.16 7.86 -9.02
N PHE A 265 -1.56 7.37 -10.19
CA PHE A 265 -1.03 7.87 -11.45
C PHE A 265 -2.10 8.56 -12.25
N PHE A 266 -1.70 9.66 -12.89
CA PHE A 266 -2.55 10.45 -13.76
C PHE A 266 -1.84 10.58 -15.09
N ASP A 267 -2.53 10.25 -16.19
CA ASP A 267 -1.85 10.36 -17.47
C ASP A 267 -1.88 11.82 -17.94
N HIS A 268 -1.33 12.05 -19.14
CA HIS A 268 -1.15 13.43 -19.63
C HIS A 268 -2.46 14.13 -19.91
N THR A 269 -3.57 13.39 -19.97
CA THR A 269 -4.88 14.02 -20.13
C THR A 269 -5.50 14.38 -18.80
N GLY A 270 -4.83 14.09 -17.68
CA GLY A 270 -5.36 14.27 -16.35
C GLY A 270 -6.16 13.09 -15.85
N ARG A 271 -6.30 12.05 -16.65
CA ARG A 271 -7.15 10.92 -16.29
C ARG A 271 -6.45 10.09 -15.21
N PHE A 272 -7.17 9.77 -14.14
CA PHE A 272 -6.62 8.92 -13.11
C PHE A 272 -6.63 7.47 -13.60
N ILE A 273 -5.51 6.77 -13.45
CA ILE A 273 -5.39 5.40 -13.97
C ILE A 273 -5.76 4.43 -12.84
N GLU A 274 -6.80 3.65 -13.06
N GLU A 274 -6.80 3.65 -13.06
CA GLU A 274 -7.23 2.67 -12.07
CA GLU A 274 -7.22 2.67 -12.06
C GLU A 274 -6.10 1.71 -11.74
C GLU A 274 -6.08 1.71 -11.73
N GLY A 275 -5.92 1.44 -10.44
CA GLY A 275 -4.74 0.72 -9.98
C GLY A 275 -4.59 -0.68 -10.55
N TYR A 276 -5.70 -1.33 -10.89
CA TYR A 276 -5.64 -2.63 -11.57
C TYR A 276 -4.62 -2.63 -12.70
N TYR A 277 -4.66 -1.61 -13.57
CA TYR A 277 -3.83 -1.64 -14.77
C TYR A 277 -2.37 -1.40 -14.46
N LEU A 278 -2.05 -0.82 -13.31
CA LEU A 278 -0.64 -0.65 -12.94
C LEU A 278 0.02 -1.97 -12.57
N VAL A 279 -0.76 -2.97 -12.16
CA VAL A 279 -0.15 -4.25 -11.78
C VAL A 279 0.48 -4.90 -13.00
N GLY A 280 -0.28 -5.00 -14.09
CA GLY A 280 0.27 -5.57 -15.31
C GLY A 280 1.37 -4.70 -15.90
N LEU A 281 1.19 -3.38 -15.83
CA LEU A 281 2.19 -2.47 -16.37
C LEU A 281 3.51 -2.60 -15.62
N LEU A 282 3.46 -2.57 -14.29
CA LEU A 282 4.68 -2.72 -13.49
C LEU A 282 5.28 -4.11 -13.63
N ALA A 283 4.44 -5.13 -13.76
CA ALA A 283 4.96 -6.48 -13.94
C ALA A 283 5.78 -6.57 -15.20
N GLN A 284 5.28 -6.01 -16.30
CA GLN A 284 6.06 -6.03 -17.53
C GLN A 284 7.34 -5.24 -17.36
N ALA A 285 7.27 -4.09 -16.69
CA ALA A 285 8.49 -3.31 -16.46
C ALA A 285 9.53 -4.13 -15.68
N ILE A 286 9.10 -4.82 -14.63
CA ILE A 286 10.05 -5.58 -13.81
C ILE A 286 10.54 -6.80 -14.58
N LEU A 287 9.65 -7.46 -15.32
CA LEU A 287 10.06 -8.69 -16.00
C LEU A 287 11.09 -8.41 -17.09
N ALA A 288 11.20 -7.18 -17.57
CA ALA A 288 12.27 -6.84 -18.51
C ALA A 288 13.64 -6.94 -17.84
N LYS A 289 13.70 -6.68 -16.53
CA LYS A 289 14.96 -6.73 -15.79
C LYS A 289 15.22 -8.08 -15.16
N GLN A 290 14.17 -8.84 -14.82
CA GLN A 290 14.28 -10.12 -14.14
C GLN A 290 13.43 -11.13 -14.91
N PRO A 291 13.95 -11.65 -16.01
CA PRO A 291 13.13 -12.46 -16.93
C PRO A 291 12.70 -13.79 -16.32
N GLY A 292 11.48 -14.21 -16.69
CA GLY A 292 10.94 -15.47 -16.23
C GLY A 292 10.51 -15.48 -14.78
N GLY A 293 10.47 -14.32 -14.13
CA GLY A 293 10.12 -14.28 -12.73
C GLY A 293 8.65 -14.52 -12.46
N LYS A 294 8.35 -14.85 -11.22
CA LYS A 294 6.97 -14.96 -10.82
C LYS A 294 6.45 -13.62 -10.31
N VAL A 295 5.16 -13.41 -10.53
CA VAL A 295 4.48 -12.18 -10.17
C VAL A 295 3.24 -12.54 -9.38
N VAL A 296 3.14 -12.03 -8.16
CA VAL A 296 1.98 -12.33 -7.30
C VAL A 296 0.93 -11.25 -7.52
N HIS A 297 -0.34 -11.66 -7.63
CA HIS A 297 -1.42 -10.70 -7.79
C HIS A 297 -2.60 -11.16 -6.96
N ASP A 298 -3.54 -10.26 -6.68
CA ASP A 298 -4.70 -10.59 -5.87
C ASP A 298 -5.85 -11.07 -6.74
N PRO A 299 -6.93 -11.58 -6.14
CA PRO A 299 -7.99 -12.22 -6.92
C PRO A 299 -9.12 -11.29 -7.37
N ARG A 300 -9.06 -10.01 -6.99
CA ARG A 300 -10.19 -9.14 -7.25
C ARG A 300 -10.33 -8.86 -8.75
N LEU A 301 -9.23 -8.50 -9.39
CA LEU A 301 -9.19 -8.25 -10.82
C LEU A 301 -7.95 -8.93 -11.34
N THR A 302 -8.11 -9.78 -12.35
CA THR A 302 -7.06 -10.76 -12.64
C THR A 302 -6.69 -10.91 -14.12
N TRP A 303 -7.69 -10.90 -15.02
CA TRP A 303 -7.43 -11.30 -16.40
C TRP A 303 -6.33 -10.50 -17.06
N ASN A 304 -6.33 -9.18 -16.86
CA ASN A 304 -5.32 -8.36 -17.53
C ASN A 304 -3.93 -8.67 -17.00
N THR A 305 -3.83 -8.88 -15.68
CA THR A 305 -2.54 -9.16 -15.08
C THR A 305 -2.00 -10.49 -15.56
N VAL A 306 -2.84 -11.53 -15.56
CA VAL A 306 -2.40 -12.83 -16.00
C VAL A 306 -1.88 -12.74 -17.43
N GLU A 307 -2.60 -12.02 -18.29
CA GLU A 307 -2.20 -11.95 -19.68
C GLU A 307 -0.91 -11.15 -19.85
N GLN A 308 -0.82 -10.00 -19.17
CA GLN A 308 0.38 -9.18 -19.34
C GLN A 308 1.61 -9.85 -18.74
N VAL A 309 1.44 -10.56 -17.62
CA VAL A 309 2.57 -11.26 -17.01
C VAL A 309 3.06 -12.36 -17.94
N GLU A 310 2.12 -13.15 -18.49
CA GLU A 310 2.51 -14.26 -19.35
C GLU A 310 3.11 -13.76 -20.64
N GLU A 311 2.55 -12.69 -21.22
CA GLU A 311 3.10 -12.12 -22.44
C GLU A 311 4.54 -11.66 -22.23
N ALA A 312 4.86 -11.16 -21.05
CA ALA A 312 6.22 -10.71 -20.74
C ALA A 312 7.13 -11.85 -20.30
N GLY A 313 6.65 -13.09 -20.35
CA GLY A 313 7.47 -14.22 -19.97
C GLY A 313 7.50 -14.51 -18.49
N GLY A 314 6.61 -13.91 -17.71
CA GLY A 314 6.56 -14.17 -16.28
C GLY A 314 5.52 -15.23 -15.96
N ILE A 315 5.48 -15.61 -14.69
CA ILE A 315 4.52 -16.60 -14.21
C ILE A 315 3.62 -15.95 -13.16
N PRO A 316 2.33 -15.81 -13.42
CA PRO A 316 1.44 -15.18 -12.43
C PRO A 316 1.07 -16.15 -11.33
N VAL A 317 1.01 -15.63 -10.11
CA VAL A 317 0.72 -16.41 -8.91
C VAL A 317 -0.44 -15.75 -8.16
N LEU A 318 -1.58 -16.41 -8.15
CA LEU A 318 -2.76 -15.91 -7.46
C LEU A 318 -2.58 -15.98 -5.96
N CYS A 319 -2.97 -14.92 -5.26
CA CYS A 319 -2.86 -14.86 -3.82
C CYS A 319 -3.99 -14.01 -3.27
N LYS A 320 -4.51 -14.39 -2.11
CA LYS A 320 -5.50 -13.57 -1.41
C LYS A 320 -4.98 -12.15 -1.22
N SER A 321 -5.90 -11.18 -1.30
N SER A 321 -5.91 -11.20 -1.27
CA SER A 321 -5.50 -9.81 -1.10
CA SER A 321 -5.57 -9.80 -1.05
C SER A 321 -5.14 -9.56 0.37
C SER A 321 -5.09 -9.60 0.39
N GLY A 322 -4.31 -8.55 0.59
CA GLY A 322 -3.85 -8.20 1.93
C GLY A 322 -2.34 -8.31 1.90
N HIS A 323 -1.68 -7.25 2.37
CA HIS A 323 -0.23 -7.17 2.18
C HIS A 323 0.51 -8.32 2.85
N ALA A 324 0.03 -8.81 4.00
CA ALA A 324 0.74 -9.90 4.65
C ALA A 324 0.67 -11.18 3.84
N PHE A 325 -0.49 -11.48 3.24
CA PHE A 325 -0.59 -12.65 2.38
C PHE A 325 0.26 -12.50 1.13
N ILE A 326 0.23 -11.31 0.51
CA ILE A 326 1.02 -11.07 -0.69
C ILE A 326 2.51 -11.30 -0.39
N LYS A 327 3.00 -10.69 0.69
CA LYS A 327 4.43 -10.77 0.99
C LYS A 327 4.84 -12.20 1.28
N GLU A 328 4.02 -12.93 2.02
N GLU A 328 4.04 -12.92 2.06
CA GLU A 328 4.40 -14.30 2.36
CA GLU A 328 4.37 -14.31 2.36
C GLU A 328 4.34 -15.21 1.14
C GLU A 328 4.41 -15.15 1.10
N LYS A 329 3.43 -14.94 0.20
CA LYS A 329 3.41 -15.70 -1.05
C LYS A 329 4.62 -15.36 -1.91
N MET A 330 4.96 -14.08 -2.02
CA MET A 330 6.15 -13.68 -2.76
C MET A 330 7.40 -14.37 -2.22
N ARG A 331 7.55 -14.42 -0.89
CA ARG A 331 8.72 -15.07 -0.29
C ARG A 331 8.77 -16.54 -0.66
N SER A 332 7.66 -17.26 -0.52
CA SER A 332 7.72 -18.70 -0.76
C SER A 332 7.89 -19.00 -2.24
N GLU A 333 7.59 -18.05 -3.12
CA GLU A 333 7.74 -18.22 -4.55
C GLU A 333 8.99 -17.57 -5.13
N ASN A 334 9.74 -16.81 -4.32
CA ASN A 334 10.84 -16.00 -4.85
C ASN A 334 10.32 -15.05 -5.94
N ALA A 335 9.09 -14.56 -5.77
CA ALA A 335 8.51 -13.70 -6.79
C ALA A 335 9.23 -12.36 -6.83
N VAL A 336 9.46 -11.87 -8.05
N VAL A 336 9.47 -11.87 -8.04
CA VAL A 336 10.19 -10.62 -8.24
CA VAL A 336 10.19 -10.61 -8.18
C VAL A 336 9.32 -9.42 -7.91
C VAL A 336 9.31 -9.42 -7.81
N TYR A 337 8.00 -9.54 -8.07
CA TYR A 337 7.10 -8.41 -7.90
C TYR A 337 5.73 -8.94 -7.51
N GLY A 338 5.04 -8.19 -6.66
CA GLY A 338 3.63 -8.42 -6.41
C GLY A 338 2.88 -7.10 -6.49
N GLY A 339 1.65 -7.17 -6.96
CA GLY A 339 0.86 -5.96 -7.03
C GLY A 339 -0.60 -6.17 -6.70
N GLU A 340 -1.17 -5.26 -5.92
CA GLU A 340 -2.60 -5.27 -5.65
C GLU A 340 -3.28 -4.13 -6.40
N MET A 341 -4.55 -4.36 -6.74
N MET A 341 -4.55 -4.35 -6.75
CA MET A 341 -5.28 -3.31 -7.45
CA MET A 341 -5.26 -3.29 -7.47
C MET A 341 -5.47 -2.06 -6.61
C MET A 341 -5.49 -2.07 -6.60
N SER A 342 -5.31 -2.19 -5.29
CA SER A 342 -5.53 -1.10 -4.35
C SER A 342 -4.27 -0.26 -4.11
N ALA A 343 -3.42 -0.13 -5.14
CA ALA A 343 -2.29 0.80 -5.11
C ALA A 343 -1.23 0.37 -4.11
N HIS A 344 -0.91 -0.92 -4.10
CA HIS A 344 0.16 -1.47 -3.27
C HIS A 344 1.06 -2.27 -4.19
N HIS A 345 2.36 -1.99 -4.19
CA HIS A 345 3.29 -2.61 -5.12
C HIS A 345 4.51 -3.06 -4.34
N TYR A 346 4.81 -4.35 -4.42
CA TYR A 346 5.82 -4.99 -3.59
C TYR A 346 6.95 -5.49 -4.46
N PHE A 347 8.18 -5.36 -3.96
CA PHE A 347 9.37 -5.65 -4.74
C PHE A 347 10.31 -6.56 -3.96
N ARG A 348 10.67 -7.69 -4.57
CA ARG A 348 11.48 -8.68 -3.85
C ARG A 348 12.75 -8.06 -3.26
N GLU A 349 13.49 -7.28 -4.07
CA GLU A 349 14.77 -6.77 -3.57
C GLU A 349 14.59 -5.66 -2.55
N PHE A 350 13.36 -5.16 -2.40
CA PHE A 350 13.03 -4.16 -1.39
C PHE A 350 12.47 -4.84 -0.14
N ALA A 351 13.14 -5.90 0.33
CA ALA A 351 12.68 -6.64 1.50
C ALA A 351 11.27 -7.20 1.30
N TYR A 352 10.91 -7.52 0.05
CA TYR A 352 9.56 -7.98 -0.29
C TYR A 352 8.49 -6.98 0.12
N ALA A 353 8.86 -5.72 0.24
CA ALA A 353 7.95 -4.75 0.83
C ALA A 353 7.42 -3.79 -0.22
N ASP A 354 6.40 -3.06 0.16
CA ASP A 354 5.76 -2.11 -0.73
C ASP A 354 6.49 -0.76 -0.66
N SER A 355 6.52 -0.09 -1.81
CA SER A 355 7.10 1.24 -1.92
C SER A 355 6.19 2.07 -2.80
N GLY A 356 5.99 3.32 -2.43
CA GLY A 356 5.31 4.29 -3.23
C GLY A 356 6.24 5.05 -4.13
N MET A 357 7.55 4.77 -4.07
CA MET A 357 8.54 5.45 -4.88
C MET A 357 8.99 4.62 -6.07
N ILE A 358 9.31 3.35 -5.86
CA ILE A 358 9.76 2.48 -6.94
C ILE A 358 8.77 2.50 -8.11
N PRO A 359 7.46 2.44 -7.90
CA PRO A 359 6.56 2.36 -9.07
C PRO A 359 6.66 3.53 -10.03
N TRP A 360 6.73 4.77 -9.54
CA TRP A 360 6.77 5.87 -10.51
C TRP A 360 8.13 6.00 -11.18
N LEU A 361 9.20 5.60 -10.50
CA LEU A 361 10.50 5.50 -11.18
C LEU A 361 10.42 4.52 -12.34
N LEU A 362 9.81 3.35 -12.09
CA LEU A 362 9.68 2.35 -13.14
C LEU A 362 8.84 2.87 -14.29
N ILE A 363 7.75 3.57 -13.99
CA ILE A 363 6.88 4.05 -15.05
C ILE A 363 7.55 5.18 -15.83
N ALA A 364 8.25 6.08 -15.13
CA ALA A 364 9.00 7.11 -15.81
C ALA A 364 10.03 6.50 -16.75
N GLU A 365 10.67 5.41 -16.32
CA GLU A 365 11.62 4.72 -17.20
C GLU A 365 10.91 4.10 -18.40
N LEU A 366 9.74 3.51 -18.19
N LEU A 366 9.75 3.47 -18.17
CA LEU A 366 9.03 2.89 -19.30
CA LEU A 366 8.98 2.90 -19.28
C LEU A 366 8.59 3.93 -20.32
C LEU A 366 8.66 3.95 -20.31
N VAL A 367 8.09 5.07 -19.86
CA VAL A 367 7.72 6.15 -20.78
C VAL A 367 8.96 6.66 -21.51
N SER A 368 10.06 6.86 -20.77
CA SER A 368 11.29 7.35 -21.39
C SER A 368 11.82 6.40 -22.45
N GLN A 369 11.81 5.10 -22.16
CA GLN A 369 12.46 4.16 -23.07
C GLN A 369 11.60 3.83 -24.28
N SER A 370 10.29 3.83 -24.11
CA SER A 370 9.39 3.33 -25.14
C SER A 370 8.93 4.40 -26.10
N GLY A 371 9.01 5.67 -25.71
CA GLY A 371 8.46 6.77 -26.46
C GLY A 371 6.95 6.83 -26.44
N ARG A 372 6.32 6.03 -25.60
N ARG A 372 6.32 6.03 -25.59
CA ARG A 372 4.88 6.00 -25.50
CA ARG A 372 4.87 5.97 -25.50
C ARG A 372 4.45 6.73 -24.25
C ARG A 372 4.39 6.65 -24.23
N SER A 373 3.30 7.40 -24.33
CA SER A 373 2.74 8.07 -23.19
C SER A 373 2.18 7.05 -22.19
N LEU A 374 2.05 7.49 -20.95
CA LEU A 374 1.42 6.59 -19.98
C LEU A 374 0.02 6.21 -20.45
N ALA A 375 -0.73 7.16 -21.01
CA ALA A 375 -2.05 6.87 -21.54
C ALA A 375 -1.99 5.73 -22.57
N ASP A 376 -1.06 5.82 -23.54
N ASP A 376 -1.05 5.80 -23.50
CA ASP A 376 -0.95 4.78 -24.55
CA ASP A 376 -1.03 4.76 -24.54
C ASP A 376 -0.59 3.45 -23.93
C ASP A 376 -0.47 3.44 -24.02
N LEU A 377 0.31 3.46 -22.94
CA LEU A 377 0.76 2.21 -22.34
C LEU A 377 -0.39 1.41 -21.75
N VAL A 378 -1.46 2.08 -21.28
CA VAL A 378 -2.56 1.37 -20.64
C VAL A 378 -3.84 1.33 -21.48
N GLU A 379 -3.95 2.16 -22.52
CA GLU A 379 -5.25 2.40 -23.16
C GLU A 379 -5.89 1.11 -23.65
N ALA A 380 -5.16 0.33 -24.45
CA ALA A 380 -5.75 -0.88 -25.00
C ALA A 380 -6.03 -1.90 -23.91
N ARG A 381 -5.26 -1.91 -22.83
CA ARG A 381 -5.54 -2.84 -21.74
C ARG A 381 -6.87 -2.48 -21.07
N MET A 382 -7.14 -1.19 -20.91
N MET A 382 -7.11 -1.19 -20.87
CA MET A 382 -8.37 -0.79 -20.25
CA MET A 382 -8.37 -0.75 -20.27
C MET A 382 -9.58 -1.01 -21.13
C MET A 382 -9.55 -1.15 -21.14
N GLN A 383 -9.39 -1.01 -22.46
CA GLN A 383 -10.46 -1.38 -23.37
C GLN A 383 -10.66 -2.88 -23.38
N LYS A 384 -9.58 -3.64 -23.27
CA LYS A 384 -9.68 -5.09 -23.37
C LYS A 384 -10.28 -5.71 -22.12
N PHE A 385 -9.98 -5.13 -20.95
CA PHE A 385 -10.46 -5.65 -19.67
C PHE A 385 -11.03 -4.52 -18.85
N PRO A 386 -12.19 -4.00 -19.22
CA PRO A 386 -12.78 -2.92 -18.44
C PRO A 386 -13.26 -3.46 -17.10
N CYS A 387 -13.14 -2.63 -16.07
CA CYS A 387 -13.50 -3.05 -14.73
C CYS A 387 -14.40 -2.02 -14.07
N SER A 388 -15.15 -2.49 -13.08
CA SER A 388 -16.09 -1.64 -12.37
C SER A 388 -15.41 -0.66 -11.44
N GLY A 389 -14.18 -0.92 -11.03
CA GLY A 389 -13.61 -0.28 -9.87
C GLY A 389 -14.14 -0.98 -8.65
N GLU A 390 -13.45 -0.88 -7.52
CA GLU A 390 -13.95 -1.51 -6.31
C GLU A 390 -15.15 -0.74 -5.79
N ILE A 391 -16.26 -1.44 -5.59
CA ILE A 391 -17.48 -0.86 -5.07
C ILE A 391 -17.75 -1.48 -3.70
N ASN A 392 -17.89 -0.64 -2.68
CA ASN A 392 -18.08 -1.10 -1.32
C ASN A 392 -19.54 -1.00 -0.91
N PHE A 393 -19.98 -2.00 -0.15
CA PHE A 393 -21.35 -2.06 0.34
C PHE A 393 -21.35 -2.27 1.85
N LYS A 394 -22.06 -1.41 2.58
CA LYS A 394 -22.40 -1.68 3.96
C LYS A 394 -23.86 -2.13 3.98
N VAL A 395 -24.08 -3.42 4.22
CA VAL A 395 -25.43 -3.97 4.17
C VAL A 395 -25.80 -4.48 5.54
N ALA A 396 -27.09 -4.77 5.72
CA ALA A 396 -27.57 -5.25 7.00
C ALA A 396 -27.08 -6.65 7.30
N ASP A 397 -26.91 -7.48 6.28
CA ASP A 397 -26.53 -8.88 6.50
C ASP A 397 -25.65 -9.29 5.34
N ALA A 398 -24.33 -9.23 5.54
CA ALA A 398 -23.41 -9.50 4.44
C ALA A 398 -23.56 -10.93 3.94
N LYS A 399 -23.69 -11.89 4.87
CA LYS A 399 -23.79 -13.29 4.47
C LYS A 399 -25.04 -13.54 3.65
N ALA A 400 -26.19 -13.04 4.10
CA ALA A 400 -27.42 -13.19 3.34
C ALA A 400 -27.32 -12.51 1.97
N SER A 401 -26.64 -11.36 1.90
CA SER A 401 -26.53 -10.65 0.63
C SER A 401 -25.68 -11.40 -0.36
N VAL A 402 -24.53 -11.91 0.08
CA VAL A 402 -23.70 -12.72 -0.80
C VAL A 402 -24.48 -13.92 -1.31
N ALA A 403 -25.28 -14.54 -0.43
CA ALA A 403 -26.07 -15.70 -0.84
C ALA A 403 -27.12 -15.33 -1.88
N ARG A 404 -27.73 -14.14 -1.75
CA ARG A 404 -28.67 -13.68 -2.77
C ARG A 404 -27.98 -13.54 -4.10
N VAL A 405 -26.75 -13.04 -4.11
CA VAL A 405 -26.01 -12.91 -5.36
C VAL A 405 -25.74 -14.30 -5.95
N MET A 406 -25.22 -15.21 -5.14
CA MET A 406 -24.83 -16.52 -5.68
C MET A 406 -26.03 -17.32 -6.14
N GLU A 407 -27.15 -17.25 -5.42
CA GLU A 407 -28.34 -17.98 -5.84
C GLU A 407 -28.88 -17.43 -7.15
N HIS A 408 -28.79 -16.11 -7.34
CA HIS A 408 -29.27 -15.50 -8.57
C HIS A 408 -28.52 -16.04 -9.79
N TYR A 409 -27.20 -16.24 -9.66
CA TYR A 409 -26.36 -16.64 -10.78
C TYR A 409 -26.16 -18.16 -10.88
N ALA A 410 -26.81 -18.93 -10.01
CA ALA A 410 -26.53 -20.36 -9.94
C ALA A 410 -26.84 -21.08 -11.26
N SER A 411 -27.89 -20.65 -11.96
CA SER A 411 -28.29 -21.36 -13.17
C SER A 411 -27.30 -21.17 -14.32
N LEU A 412 -26.36 -20.23 -14.21
CA LEU A 412 -25.34 -20.02 -15.23
C LEU A 412 -24.09 -20.85 -15.01
N SER A 413 -23.98 -21.54 -13.88
CA SER A 413 -22.88 -22.44 -13.60
C SER A 413 -21.51 -21.77 -13.74
N PRO A 414 -21.27 -20.65 -13.06
CA PRO A 414 -19.95 -20.03 -13.13
C PRO A 414 -18.91 -20.95 -12.51
N GLU A 415 -17.65 -20.73 -12.90
N GLU A 415 -17.66 -20.75 -12.91
CA GLU A 415 -16.53 -21.39 -12.25
CA GLU A 415 -16.56 -21.42 -12.24
C GLU A 415 -16.20 -20.62 -10.97
C GLU A 415 -16.23 -20.63 -10.98
N LEU A 416 -16.27 -21.31 -9.84
CA LEU A 416 -16.12 -20.66 -8.54
C LEU A 416 -14.75 -20.93 -7.93
N ASP A 417 -14.20 -19.91 -7.29
CA ASP A 417 -12.94 -19.97 -6.59
C ASP A 417 -13.10 -19.23 -5.28
N TYR A 418 -12.63 -19.83 -4.19
CA TYR A 418 -12.77 -19.23 -2.87
C TYR A 418 -11.42 -18.82 -2.28
N THR A 419 -10.48 -18.37 -3.13
CA THR A 419 -9.20 -17.90 -2.61
C THR A 419 -9.39 -16.72 -1.67
N ASP A 420 -10.33 -15.83 -1.98
CA ASP A 420 -10.47 -14.58 -1.25
C ASP A 420 -11.94 -14.17 -1.42
N GLY A 421 -12.80 -14.70 -0.57
CA GLY A 421 -14.22 -14.46 -0.74
C GLY A 421 -14.76 -15.39 -1.79
N ILE A 422 -15.48 -14.85 -2.77
CA ILE A 422 -15.99 -15.62 -3.90
C ILE A 422 -15.56 -14.96 -5.19
N SER A 423 -14.91 -15.72 -6.05
CA SER A 423 -14.66 -15.32 -7.43
C SER A 423 -15.51 -16.20 -8.33
N ALA A 424 -16.23 -15.57 -9.25
CA ALA A 424 -17.13 -16.27 -10.13
C ALA A 424 -16.80 -15.87 -11.55
N ASP A 425 -16.39 -16.84 -12.36
CA ASP A 425 -15.95 -16.62 -13.72
C ASP A 425 -17.01 -17.20 -14.64
N PHE A 426 -17.70 -16.33 -15.37
CA PHE A 426 -18.79 -16.72 -16.26
C PHE A 426 -18.37 -16.91 -17.69
N GLY A 427 -17.11 -16.69 -18.01
CA GLY A 427 -16.66 -16.80 -19.38
C GLY A 427 -16.26 -15.44 -19.91
N GLN A 428 -17.26 -14.62 -20.28
CA GLN A 428 -16.98 -13.28 -20.78
C GLN A 428 -16.97 -12.22 -19.69
N TRP A 429 -17.30 -12.59 -18.46
CA TRP A 429 -17.22 -11.65 -17.34
C TRP A 429 -16.97 -12.44 -16.07
N ARG A 430 -16.50 -11.73 -15.04
CA ARG A 430 -16.23 -12.37 -13.76
C ARG A 430 -16.38 -11.33 -12.67
N PHE A 431 -16.61 -11.81 -11.44
CA PHE A 431 -16.57 -10.91 -10.31
C PHE A 431 -15.86 -11.55 -9.14
N ASN A 432 -15.46 -10.69 -8.21
CA ASN A 432 -14.98 -11.09 -6.90
C ASN A 432 -15.78 -10.32 -5.86
N LEU A 433 -16.21 -11.03 -4.83
CA LEU A 433 -17.06 -10.46 -3.79
C LEU A 433 -16.51 -10.96 -2.46
N ARG A 434 -16.03 -10.04 -1.62
CA ARG A 434 -15.37 -10.47 -0.40
C ARG A 434 -15.66 -9.49 0.72
N SER A 435 -15.55 -9.98 1.95
CA SER A 435 -15.59 -9.12 3.12
C SER A 435 -14.21 -8.50 3.33
N SER A 436 -14.21 -7.22 3.66
CA SER A 436 -12.97 -6.56 4.03
C SER A 436 -12.44 -7.09 5.35
N ASN A 437 -11.12 -7.19 5.47
CA ASN A 437 -10.47 -7.55 6.72
C ASN A 437 -10.16 -6.34 7.59
N THR A 438 -10.30 -5.13 7.06
CA THR A 438 -9.98 -3.91 7.78
C THR A 438 -11.19 -3.04 8.09
N GLU A 439 -12.34 -3.34 7.50
CA GLU A 439 -13.60 -2.63 7.72
C GLU A 439 -14.74 -3.63 7.63
N PRO A 440 -15.87 -3.36 8.29
CA PRO A 440 -17.03 -4.26 8.18
C PRO A 440 -17.81 -4.02 6.89
N LEU A 441 -17.15 -4.23 5.76
CA LEU A 441 -17.69 -3.92 4.44
C LEU A 441 -17.63 -5.15 3.54
N LEU A 442 -18.53 -5.17 2.56
CA LEU A 442 -18.44 -6.04 1.39
C LEU A 442 -17.84 -5.26 0.24
N ARG A 443 -16.92 -5.89 -0.48
CA ARG A 443 -16.22 -5.24 -1.59
C ARG A 443 -16.47 -6.00 -2.89
N LEU A 444 -16.91 -5.29 -3.92
CA LEU A 444 -17.25 -5.89 -5.22
C LEU A 444 -16.30 -5.39 -6.30
N ASN A 445 -15.81 -6.32 -7.12
CA ASN A 445 -15.08 -5.99 -8.33
C ASN A 445 -15.60 -6.83 -9.47
N VAL A 446 -15.84 -6.17 -10.61
CA VAL A 446 -16.35 -6.85 -11.80
C VAL A 446 -15.45 -6.47 -12.97
N GLU A 447 -15.17 -7.44 -13.85
CA GLU A 447 -14.51 -7.10 -15.11
C GLU A 447 -15.11 -7.95 -16.24
N THR A 448 -14.92 -7.50 -17.47
CA THR A 448 -15.41 -8.24 -18.63
C THR A 448 -14.34 -8.31 -19.70
N ARG A 449 -14.60 -9.17 -20.68
CA ARG A 449 -13.74 -9.34 -21.85
C ARG A 449 -14.16 -8.32 -22.90
N GLY A 450 -13.66 -7.10 -22.73
CA GLY A 450 -13.86 -6.05 -23.73
C GLY A 450 -15.29 -5.59 -23.94
N ASP A 451 -16.15 -5.70 -22.93
CA ASP A 451 -17.58 -5.42 -23.11
C ASP A 451 -18.03 -4.46 -22.00
N ALA A 452 -18.03 -3.17 -22.32
CA ALA A 452 -18.45 -2.18 -21.33
C ALA A 452 -19.94 -2.31 -20.99
N ALA A 453 -20.76 -2.72 -21.95
CA ALA A 453 -22.19 -2.84 -21.70
C ALA A 453 -22.47 -3.95 -20.71
N LEU A 454 -21.87 -5.12 -20.95
CA LEU A 454 -22.02 -6.23 -20.01
C LEU A 454 -21.47 -5.87 -18.64
N LEU A 455 -20.36 -5.12 -18.60
CA LEU A 455 -19.82 -4.68 -17.32
C LEU A 455 -20.86 -3.90 -16.54
N GLU A 456 -21.53 -2.96 -17.21
CA GLU A 456 -22.46 -2.12 -16.48
C GLU A 456 -23.71 -2.89 -16.08
N THR A 457 -24.30 -3.68 -16.99
CA THR A 457 -25.52 -4.39 -16.60
C THR A 457 -25.25 -5.40 -15.48
N ARG A 458 -24.12 -6.11 -15.52
CA ARG A 458 -23.84 -7.04 -14.42
C ARG A 458 -23.50 -6.32 -13.13
N THR A 459 -22.72 -5.24 -13.21
CA THR A 459 -22.43 -4.48 -11.99
C THR A 459 -23.72 -4.00 -11.34
N GLN A 460 -24.64 -3.44 -12.13
CA GLN A 460 -25.87 -2.94 -11.54
C GLN A 460 -26.75 -4.07 -11.02
N GLU A 461 -26.77 -5.20 -11.73
N GLU A 461 -26.78 -5.20 -11.72
CA GLU A 461 -27.52 -6.37 -11.27
CA GLU A 461 -27.53 -6.37 -11.26
C GLU A 461 -27.03 -6.84 -9.91
C GLU A 461 -27.03 -6.82 -9.89
N ILE A 462 -25.71 -6.99 -9.77
CA ILE A 462 -25.14 -7.44 -8.50
C ILE A 462 -25.41 -6.42 -7.40
N SER A 463 -25.24 -5.14 -7.72
CA SER A 463 -25.50 -4.09 -6.74
C SER A 463 -26.93 -4.16 -6.23
N ASN A 464 -27.90 -4.35 -7.14
CA ASN A 464 -29.30 -4.43 -6.70
C ASN A 464 -29.49 -5.61 -5.78
N LEU A 465 -28.89 -6.75 -6.11
CA LEU A 465 -29.01 -7.93 -5.24
C LEU A 465 -28.38 -7.69 -3.88
N LEU A 466 -27.21 -7.06 -3.85
CA LEU A 466 -26.55 -6.82 -2.57
C LEU A 466 -27.38 -5.88 -1.68
N ARG A 467 -28.03 -4.89 -2.29
CA ARG A 467 -28.84 -3.92 -1.57
C ARG A 467 -30.25 -4.41 -1.27
N GLY A 468 -30.64 -5.58 -1.76
N GLY A 468 -30.64 -5.58 -1.76
CA GLY A 468 -31.99 -6.07 -1.59
CA GLY A 468 -31.98 -6.10 -1.55
C GLY A 468 -32.30 -6.58 -0.20
C GLY A 468 -32.15 -6.76 -0.19
CA CA B . -0.19 4.47 3.42
C1 G1P C . -7.23 -3.51 2.19
C2 G1P C . -6.80 -3.64 0.74
C3 G1P C . -5.66 -4.59 0.63
C4 G1P C . -4.50 -4.07 1.43
C5 G1P C . -4.89 -3.96 2.90
C6 G1P C . -3.74 -3.36 3.66
O1 G1P C . -7.63 -4.74 2.61
O2 G1P C . -7.90 -4.09 -0.07
O3 G1P C . -5.30 -4.76 -0.74
O4 G1P C . -3.34 -4.89 1.27
O5 G1P C . -6.07 -3.09 3.08
O6 G1P C . -3.64 -2.02 3.29
P G1P C . -9.26 -5.10 2.78
O1P G1P C . -9.35 -6.47 3.44
O2P G1P C . -9.89 -5.10 1.40
O3P G1P C . -9.96 -4.07 3.64
C1 PEG D . 23.41 9.79 -3.88
C1 PEG D . 23.56 11.32 -2.46
O1 PEG D . 22.75 10.29 -2.75
O1 PEG D . 24.06 12.23 -3.41
C2 PEG D . 22.55 8.76 -4.62
C2 PEG D . 22.71 10.25 -3.16
O2 PEG D . 23.14 8.49 -5.87
O2 PEG D . 23.55 9.24 -3.66
C3 PEG D . 23.61 7.18 -6.04
C3 PEG D . 23.61 9.17 -5.06
C4 PEG D . 25.00 7.16 -6.71
C4 PEG D . 22.93 7.89 -5.55
O4 PEG D . 25.51 5.85 -6.71
O4 PEG D . 23.62 7.37 -6.64
#